data_6SF9
#
_entry.id   6SF9
#
_cell.length_a   57.987
_cell.length_b   57.987
_cell.length_c   398.183
_cell.angle_alpha   90.000
_cell.angle_beta   90.000
_cell.angle_gamma   120.000
#
_symmetry.space_group_name_H-M   'P 61 2 2'
#
loop_
_entity.id
_entity.type
_entity.pdbx_description
1 polymer 'Farnesyl diphosphate synthase'
2 non-polymer 'SULFATE ION'
3 non-polymer CAFFEINE
4 water water
#
_entity_poly.entity_id   1
_entity_poly.type   'polypeptide(L)'
_entity_poly.pdbx_seq_one_letter_code
;MASMERFLSVYDEVQAFLLDQLQSKYEIDPNRARYLRIMMDTTCLGGKYFRGMTVVNVAEGFLAVTQHDEATKERILHDA
CVGGWMIEFLQAHYLVEDDIMDGSVMRRGKPCWYRFPGVTTQCAINDGIILKSWTQIMAWHYFADRPFLKDLLCLFQKVD
YATAVGQMYDVTSMCDSNKLDPEVAQPMTTDFAEFTPAIYKRIVKYKTTFYTYLLPLVMGLLVSEAAASVEMNLVERVAH
LIGEYFQVQDDVMDCFTPPEQLGKVGTDIEDAKCSWLAVTFLGKANAAQVAEFKANYGEKDPAKVAVVKRLYSKANLQAD
FAAYEAEVVREVESLIEQLKVKSPTFAESVAVVWEKTHKRKK
;
_entity_poly.pdbx_strand_id   A
#
# COMPACT_ATOMS: atom_id res chain seq x y z
N MET A 1 11.81 -24.87 -0.88
CA MET A 1 11.00 -24.58 0.32
C MET A 1 9.66 -24.01 -0.10
N ALA A 2 8.66 -24.10 0.77
CA ALA A 2 7.50 -23.25 0.62
C ALA A 2 8.00 -21.82 0.35
N SER A 3 7.24 -21.09 -0.45
CA SER A 3 7.64 -19.73 -0.81
C SER A 3 7.72 -18.85 0.41
N MET A 4 6.76 -19.00 1.33
CA MET A 4 6.76 -18.17 2.53
C MET A 4 7.96 -18.45 3.42
N GLU A 5 8.32 -19.72 3.58
CA GLU A 5 9.48 -20.06 4.39
C GLU A 5 10.75 -19.44 3.81
N ARG A 6 10.91 -19.47 2.48
CA ARG A 6 12.04 -18.82 1.85
C ARG A 6 12.00 -17.32 2.08
N PHE A 7 10.83 -16.71 1.93
CA PHE A 7 10.71 -15.27 2.11
C PHE A 7 11.13 -14.85 3.52
N LEU A 8 10.61 -15.55 4.54
CA LEU A 8 10.98 -15.22 5.92
C LEU A 8 12.46 -15.50 6.20
N SER A 9 13.03 -16.55 5.61
CA SER A 9 14.46 -16.81 5.80
C SER A 9 15.30 -15.66 5.24
N VAL A 10 14.87 -15.10 4.12
CA VAL A 10 15.62 -13.99 3.56
C VAL A 10 15.51 -12.75 4.43
N TYR A 11 14.40 -12.54 5.13
CA TYR A 11 14.36 -11.42 6.07
C TYR A 11 15.51 -11.53 7.08
N ASP A 12 15.72 -12.72 7.65
CA ASP A 12 16.78 -12.86 8.64
C ASP A 12 18.13 -12.53 8.03
N GLU A 13 18.35 -12.93 6.78
CA GLU A 13 19.62 -12.68 6.12
C GLU A 13 19.81 -11.19 5.88
N VAL A 14 18.77 -10.53 5.38
CA VAL A 14 18.84 -9.10 5.09
C VAL A 14 19.06 -8.31 6.37
N GLN A 15 18.32 -8.66 7.43
CA GLN A 15 18.51 -7.96 8.70
C GLN A 15 19.94 -8.09 9.19
N ALA A 16 20.47 -9.32 9.18
CA ALA A 16 21.84 -9.54 9.62
C ALA A 16 22.82 -8.74 8.79
N PHE A 17 22.59 -8.65 7.48
CA PHE A 17 23.47 -7.88 6.63
C PHE A 17 23.43 -6.40 7.01
N LEU A 18 22.23 -5.87 7.20
CA LEU A 18 22.09 -4.44 7.48
C LEU A 18 22.71 -4.09 8.83
N LEU A 19 22.48 -4.94 9.82
CA LEU A 19 22.99 -4.64 11.17
C LEU A 19 24.49 -4.86 11.24
N ASP A 20 25.00 -5.92 10.61
CA ASP A 20 26.44 -6.12 10.57
C ASP A 20 27.14 -4.97 9.87
N GLN A 21 26.57 -4.47 8.77
CA GLN A 21 27.16 -3.32 8.10
C GLN A 21 27.18 -2.10 9.01
N LEU A 22 26.13 -1.90 9.80
CA LEU A 22 26.14 -0.78 10.72
C LEU A 22 27.29 -0.91 11.72
N GLN A 23 27.60 -2.12 12.15
CA GLN A 23 28.74 -2.34 13.05
C GLN A 23 30.07 -2.09 12.34
N SER A 24 30.23 -2.66 11.15
CA SER A 24 31.53 -2.71 10.52
C SER A 24 31.89 -1.40 9.84
N LYS A 25 30.91 -0.63 9.39
CA LYS A 25 31.18 0.55 8.59
C LYS A 25 30.63 1.84 9.18
N TYR A 26 29.68 1.78 10.12
CA TYR A 26 29.03 2.99 10.65
C TYR A 26 29.27 3.17 12.15
N GLU A 27 30.22 2.43 12.72
CA GLU A 27 30.65 2.64 14.09
C GLU A 27 29.50 2.47 15.07
N ILE A 28 28.43 1.80 14.66
CA ILE A 28 27.32 1.61 15.58
C ILE A 28 27.75 0.73 16.75
N ASP A 29 27.16 0.98 17.89
CA ASP A 29 27.32 0.24 19.13
C ASP A 29 26.17 -0.76 19.33
N PRO A 30 26.38 -1.78 20.16
CA PRO A 30 25.38 -2.86 20.24
C PRO A 30 24.01 -2.43 20.73
N ASN A 31 23.91 -1.39 21.56
CA ASN A 31 22.59 -1.00 22.06
C ASN A 31 21.76 -0.28 20.99
N ARG A 32 22.39 0.60 20.20
CA ARG A 32 21.69 1.19 19.09
C ARG A 32 21.39 0.17 18.00
N ALA A 33 22.27 -0.82 17.80
CA ALA A 33 21.96 -1.90 16.87
C ALA A 33 20.72 -2.66 17.31
N ARG A 34 20.61 -2.94 18.61
CA ARG A 34 19.42 -3.59 19.15
C ARG A 34 18.17 -2.74 18.95
N TYR A 35 18.28 -1.44 19.19
CA TYR A 35 17.13 -0.56 18.95
C TYR A 35 16.66 -0.69 17.50
N LEU A 36 17.60 -0.66 16.56
CA LEU A 36 17.23 -0.71 15.17
C LEU A 36 16.70 -2.08 14.77
N ARG A 37 17.23 -3.15 15.38
CA ARG A 37 16.69 -4.48 15.14
C ARG A 37 15.23 -4.56 15.58
N ILE A 38 14.93 -4.05 16.78
CA ILE A 38 13.55 -4.04 17.25
C ILE A 38 12.67 -3.16 16.35
N MET A 39 13.18 -1.99 15.96
CA MET A 39 12.44 -1.12 15.07
C MET A 39 12.11 -1.85 13.76
N MET A 40 13.09 -2.49 13.16
CA MET A 40 12.85 -3.25 11.94
C MET A 40 11.78 -4.30 12.14
N ASP A 41 11.93 -5.13 13.19
CA ASP A 41 10.96 -6.18 13.43
C ASP A 41 9.57 -5.62 13.65
N THR A 42 9.47 -4.54 14.44
CA THR A 42 8.16 -4.03 14.83
C THR A 42 7.43 -3.38 13.67
N THR A 43 8.17 -2.76 12.77
CA THR A 43 7.55 -2.03 11.68
C THR A 43 7.40 -2.84 10.40
N CYS A 44 8.23 -3.86 10.19
CA CYS A 44 8.25 -4.64 8.96
C CYS A 44 7.53 -5.98 9.06
N LEU A 45 7.44 -6.58 10.24
CA LEU A 45 6.86 -7.89 10.39
C LEU A 45 5.48 -7.79 11.02
N GLY A 46 4.71 -8.84 10.79
CA GLY A 46 3.41 -9.01 11.42
C GLY A 46 2.23 -8.88 10.48
N GLY A 47 2.44 -8.46 9.25
CA GLY A 47 1.39 -8.43 8.26
C GLY A 47 1.34 -9.74 7.49
N LYS A 48 0.62 -9.70 6.38
CA LYS A 48 0.47 -10.88 5.55
C LYS A 48 1.53 -10.98 4.46
N TYR A 49 2.31 -9.93 4.28
CA TYR A 49 3.36 -9.88 3.26
C TYR A 49 2.81 -10.07 1.85
N PHE A 50 1.58 -9.59 1.62
CA PHE A 50 0.97 -9.74 0.29
C PHE A 50 1.83 -9.10 -0.80
N ARG A 51 2.34 -7.90 -0.56
CA ARG A 51 3.08 -7.20 -1.61
C ARG A 51 4.40 -7.90 -1.91
N GLY A 52 5.13 -8.30 -0.87
CA GLY A 52 6.42 -8.92 -1.09
C GLY A 52 6.26 -10.31 -1.69
N MET A 53 5.27 -11.06 -1.21
CA MET A 53 5.05 -12.38 -1.78
C MET A 53 4.55 -12.33 -3.21
N THR A 54 3.90 -11.25 -3.66
CA THR A 54 3.56 -11.15 -5.08
C THR A 54 4.81 -11.23 -5.95
N VAL A 55 5.90 -10.55 -5.55
CA VAL A 55 7.15 -10.63 -6.32
C VAL A 55 7.59 -12.09 -6.44
N VAL A 56 7.59 -12.79 -5.32
CA VAL A 56 8.01 -14.18 -5.29
C VAL A 56 7.11 -15.02 -6.19
N ASN A 57 5.79 -14.84 -6.08
CA ASN A 57 4.88 -15.67 -6.84
C ASN A 57 5.00 -15.40 -8.34
N VAL A 58 5.20 -14.14 -8.74
CA VAL A 58 5.41 -13.87 -10.16
C VAL A 58 6.66 -14.58 -10.65
N ALA A 59 7.74 -14.50 -9.87
CA ALA A 59 8.99 -15.15 -10.27
C ALA A 59 8.85 -16.66 -10.33
N GLU A 60 8.15 -17.26 -9.36
CA GLU A 60 7.90 -18.69 -9.40
C GLU A 60 7.17 -19.10 -10.66
N GLY A 61 6.21 -18.28 -11.10
CA GLY A 61 5.46 -18.62 -12.30
C GLY A 61 6.37 -18.77 -13.50
N PHE A 62 7.28 -17.83 -13.68
CA PHE A 62 8.17 -17.89 -14.83
C PHE A 62 9.18 -19.02 -14.69
N LEU A 63 9.56 -19.37 -13.45
CA LEU A 63 10.55 -20.43 -13.29
C LEU A 63 10.01 -21.74 -13.81
N ALA A 64 8.70 -21.94 -13.66
CA ALA A 64 8.10 -23.20 -14.05
C ALA A 64 8.09 -23.41 -15.55
N VAL A 65 8.36 -22.38 -16.36
CA VAL A 65 8.24 -22.52 -17.80
C VAL A 65 9.49 -22.06 -18.53
N THR A 66 10.58 -21.86 -17.81
CA THR A 66 11.83 -21.33 -18.35
C THR A 66 12.97 -22.26 -17.96
N GLN A 67 13.86 -22.57 -18.92
CA GLN A 67 15.05 -23.42 -18.68
C GLN A 67 16.13 -22.64 -17.92
N HIS A 68 16.54 -23.16 -16.77
CA HIS A 68 17.56 -22.55 -15.94
C HIS A 68 18.37 -23.64 -15.25
N ASP A 69 19.64 -23.37 -14.98
CA ASP A 69 20.39 -24.18 -14.03
C ASP A 69 19.76 -24.02 -12.63
N GLU A 70 19.93 -25.06 -11.80
CA GLU A 70 19.43 -24.98 -10.42
C GLU A 70 19.96 -23.75 -9.70
N ALA A 71 21.24 -23.44 -9.89
CA ALA A 71 21.80 -22.28 -9.17
C ALA A 71 21.17 -20.99 -9.63
N THR A 72 20.72 -20.95 -10.88
CA THR A 72 20.05 -19.75 -11.38
C THR A 72 18.65 -19.65 -10.82
N LYS A 73 17.95 -20.79 -10.71
CA LYS A 73 16.65 -20.78 -10.05
C LYS A 73 16.78 -20.23 -8.63
N GLU A 74 17.79 -20.68 -7.89
CA GLU A 74 17.96 -20.20 -6.51
C GLU A 74 18.29 -18.71 -6.48
N ARG A 75 19.10 -18.25 -7.43
CA ARG A 75 19.43 -16.84 -7.51
C ARG A 75 18.18 -16.00 -7.76
N ILE A 76 17.34 -16.44 -8.72
CA ILE A 76 16.14 -15.70 -9.08
C ILE A 76 15.20 -15.62 -7.89
N LEU A 77 15.01 -16.75 -7.19
CA LEU A 77 14.11 -16.75 -6.04
C LEU A 77 14.65 -15.89 -4.91
N HIS A 78 15.97 -15.90 -4.71
CA HIS A 78 16.57 -15.05 -3.70
C HIS A 78 16.39 -13.58 -4.07
N ASP A 79 16.59 -13.26 -5.35
CA ASP A 79 16.38 -11.89 -5.80
C ASP A 79 14.92 -11.46 -5.60
N ALA A 80 13.97 -12.36 -5.90
CA ALA A 80 12.55 -12.03 -5.74
C ALA A 80 12.23 -11.76 -4.27
N CYS A 81 12.84 -12.53 -3.38
CA CYS A 81 12.63 -12.31 -1.94
C CYS A 81 13.20 -10.98 -1.49
N VAL A 82 14.43 -10.65 -1.90
CA VAL A 82 15.00 -9.35 -1.54
C VAL A 82 14.14 -8.23 -2.11
N GLY A 83 13.76 -8.34 -3.36
CA GLY A 83 12.92 -7.30 -3.94
C GLY A 83 11.59 -7.18 -3.21
N GLY A 84 11.00 -8.30 -2.83
CA GLY A 84 9.79 -8.23 -2.03
C GLY A 84 9.99 -7.53 -0.70
N TRP A 85 11.12 -7.81 -0.02
CA TRP A 85 11.40 -7.10 1.23
C TRP A 85 11.67 -5.62 1.00
N MET A 86 12.22 -5.23 -0.16
CA MET A 86 12.30 -3.80 -0.47
C MET A 86 10.92 -3.14 -0.43
N ILE A 87 9.91 -3.83 -0.97
CA ILE A 87 8.55 -3.28 -0.98
C ILE A 87 7.97 -3.29 0.42
N GLU A 88 8.19 -4.35 1.18
CA GLU A 88 7.69 -4.41 2.56
C GLU A 88 8.31 -3.32 3.44
N PHE A 89 9.62 -3.05 3.27
CA PHE A 89 10.27 -1.95 4.01
C PHE A 89 9.79 -0.58 3.51
N LEU A 90 9.51 -0.45 2.22
CA LEU A 90 8.92 0.79 1.72
C LEU A 90 7.57 1.04 2.34
N GLN A 91 6.74 -0.01 2.43
CA GLN A 91 5.46 0.15 3.09
C GLN A 91 5.67 0.52 4.54
N ALA A 92 6.62 -0.14 5.21
CA ALA A 92 6.88 0.15 6.62
C ALA A 92 7.20 1.63 6.81
N HIS A 93 8.02 2.20 5.91
CA HIS A 93 8.32 3.64 5.89
C HIS A 93 7.04 4.48 5.84
N TYR A 94 6.16 4.20 4.87
N TYR A 94 6.20 4.22 4.82
CA TYR A 94 4.97 5.03 4.74
CA TYR A 94 4.92 4.91 4.71
C TYR A 94 3.98 4.80 5.87
C TYR A 94 4.15 4.84 6.01
N LEU A 95 3.99 3.64 6.54
CA LEU A 95 3.08 3.47 7.68
C LEU A 95 3.61 4.19 8.92
N VAL A 96 4.91 4.14 9.16
CA VAL A 96 5.48 4.86 10.30
C VAL A 96 5.20 6.34 10.17
N GLU A 97 5.46 6.91 8.97
CA GLU A 97 5.32 8.35 8.79
C GLU A 97 3.86 8.76 8.74
N ASP A 98 3.01 7.96 8.09
CA ASP A 98 1.60 8.31 8.00
C ASP A 98 0.94 8.25 9.37
N ASP A 99 1.34 7.29 10.21
CA ASP A 99 0.77 7.22 11.55
C ASP A 99 1.13 8.46 12.35
N ILE A 100 2.34 8.99 12.18
CA ILE A 100 2.72 10.24 12.84
C ILE A 100 1.90 11.39 12.28
N MET A 101 1.87 11.48 10.94
CA MET A 101 1.15 12.57 10.29
C MET A 101 -0.31 12.62 10.69
N ASP A 102 -0.97 11.45 10.75
CA ASP A 102 -2.40 11.37 11.00
C ASP A 102 -2.72 11.31 12.49
N GLY A 103 -1.72 11.23 13.35
CA GLY A 103 -1.95 11.07 14.77
C GLY A 103 -2.62 9.76 15.12
N SER A 104 -2.32 8.70 14.39
CA SER A 104 -2.94 7.41 14.63
C SER A 104 -2.50 6.86 15.99
N VAL A 105 -3.33 5.96 16.52
CA VAL A 105 -3.14 5.41 17.86
C VAL A 105 -2.62 3.98 17.80
N MET A 106 -3.27 3.11 17.03
N MET A 106 -3.25 3.14 16.99
CA MET A 106 -2.92 1.71 16.95
CA MET A 106 -2.93 1.73 16.91
C MET A 106 -2.80 1.28 15.50
C MET A 106 -2.75 1.32 15.46
N ARG A 107 -2.04 0.21 15.29
CA ARG A 107 -1.96 -0.46 14.01
C ARG A 107 -1.67 -1.92 14.25
N ARG A 108 -2.50 -2.80 13.67
CA ARG A 108 -2.38 -4.23 13.85
C ARG A 108 -2.52 -4.62 15.32
N GLY A 109 -3.36 -3.91 16.06
CA GLY A 109 -3.60 -4.21 17.44
C GLY A 109 -2.51 -3.81 18.40
N LYS A 110 -1.45 -3.15 17.93
CA LYS A 110 -0.34 -2.69 18.75
C LYS A 110 -0.20 -1.18 18.61
N PRO A 111 0.46 -0.50 19.55
CA PRO A 111 0.63 0.95 19.40
C PRO A 111 1.43 1.28 18.14
N CYS A 112 1.11 2.45 17.55
CA CYS A 112 1.93 2.90 16.44
C CYS A 112 3.36 3.09 16.94
N TRP A 113 4.33 2.93 16.04
CA TRP A 113 5.72 2.95 16.44
C TRP A 113 6.09 4.22 17.21
N TYR A 114 5.62 5.37 16.77
CA TYR A 114 6.02 6.61 17.44
C TYR A 114 5.49 6.70 18.86
N ARG A 115 4.47 5.91 19.20
CA ARG A 115 3.90 5.93 20.54
C ARG A 115 4.59 4.99 21.52
N PHE A 116 5.55 4.17 21.05
CA PHE A 116 6.32 3.39 22.02
C PHE A 116 7.05 4.34 22.96
N PRO A 117 7.16 4.00 24.24
CA PRO A 117 7.67 4.99 25.20
C PRO A 117 9.08 5.46 24.94
N GLY A 118 9.96 4.56 24.51
CA GLY A 118 11.36 4.87 24.21
C GLY A 118 11.60 5.29 22.78
N VAL A 119 10.57 5.61 22.03
CA VAL A 119 10.74 6.01 20.63
C VAL A 119 10.46 7.50 20.53
N THR A 120 9.20 7.87 20.57
CA THR A 120 8.68 9.24 20.45
C THR A 120 8.81 9.73 19.02
N THR A 121 8.14 10.84 18.71
CA THR A 121 8.14 11.36 17.35
C THR A 121 9.55 11.76 16.91
N GLN A 122 10.32 12.31 17.83
CA GLN A 122 11.67 12.75 17.50
C GLN A 122 12.48 11.62 16.87
N CYS A 123 12.39 10.41 17.43
CA CYS A 123 13.10 9.28 16.83
C CYS A 123 12.33 8.66 15.67
N ALA A 124 10.98 8.59 15.78
CA ALA A 124 10.24 7.79 14.81
C ALA A 124 10.27 8.37 13.41
N ILE A 125 10.30 9.71 13.26
CA ILE A 125 10.39 10.27 11.92
C ILE A 125 11.67 9.78 11.26
N ASN A 126 12.77 9.80 12.01
CA ASN A 126 14.05 9.36 11.44
C ASN A 126 14.09 7.86 11.26
N ASP A 127 13.44 7.09 12.15
CA ASP A 127 13.33 5.65 11.90
C ASP A 127 12.64 5.36 10.57
N GLY A 128 11.59 6.11 10.24
CA GLY A 128 10.93 5.90 8.96
C GLY A 128 11.83 6.24 7.78
N ILE A 129 12.62 7.29 7.93
CA ILE A 129 13.62 7.63 6.91
C ILE A 129 14.60 6.49 6.73
N ILE A 130 15.05 5.91 7.83
CA ILE A 130 16.01 4.81 7.75
C ILE A 130 15.38 3.62 7.04
N LEU A 131 14.13 3.28 7.37
CA LEU A 131 13.44 2.17 6.69
C LEU A 131 13.52 2.29 5.17
N LYS A 132 13.28 3.49 4.65
CA LYS A 132 13.35 3.63 3.20
C LYS A 132 14.80 3.60 2.71
N SER A 133 15.72 4.17 3.48
CA SER A 133 17.13 4.08 3.08
C SER A 133 17.57 2.62 2.99
N TRP A 134 17.10 1.78 3.90
CA TRP A 134 17.44 0.36 3.87
C TRP A 134 17.00 -0.30 2.57
N THR A 135 15.89 0.13 1.96
CA THR A 135 15.50 -0.45 0.67
C THR A 135 16.58 -0.24 -0.36
N GLN A 136 17.21 0.92 -0.34
CA GLN A 136 18.24 1.21 -1.33
C GLN A 136 19.53 0.46 -1.03
N ILE A 137 19.85 0.32 0.25
CA ILE A 137 21.04 -0.47 0.61
C ILE A 137 20.87 -1.89 0.13
N MET A 138 19.69 -2.49 0.35
CA MET A 138 19.56 -3.87 -0.10
C MET A 138 19.64 -3.95 -1.62
N ALA A 139 19.15 -2.97 -2.35
CA ALA A 139 19.20 -3.09 -3.80
C ALA A 139 20.64 -3.01 -4.30
N TRP A 140 21.36 -1.98 -3.85
CA TRP A 140 22.74 -1.83 -4.29
C TRP A 140 23.61 -2.98 -3.84
N HIS A 141 23.33 -3.59 -2.69
CA HIS A 141 24.14 -4.73 -2.27
C HIS A 141 23.78 -6.00 -3.03
N TYR A 142 22.52 -6.42 -2.98
CA TYR A 142 22.15 -7.73 -3.51
C TYR A 142 22.10 -7.73 -5.03
N PHE A 143 21.84 -6.58 -5.65
CA PHE A 143 21.62 -6.54 -7.11
C PHE A 143 22.78 -5.84 -7.82
N ALA A 144 23.90 -5.64 -7.11
CA ALA A 144 25.05 -4.93 -7.67
C ALA A 144 25.42 -5.44 -9.07
N ASP A 145 25.43 -6.75 -9.27
CA ASP A 145 25.89 -7.29 -10.55
C ASP A 145 24.75 -7.54 -11.53
N ARG A 146 23.50 -7.09 -11.21
CA ARG A 146 22.40 -7.61 -11.99
C ARG A 146 22.06 -6.71 -13.16
N PRO A 147 21.64 -7.29 -14.27
CA PRO A 147 21.27 -6.49 -15.43
C PRO A 147 20.08 -5.60 -15.19
N PHE A 148 19.22 -5.92 -14.23
CA PHE A 148 17.99 -5.19 -14.01
C PHE A 148 18.12 -4.12 -12.94
N LEU A 149 19.34 -3.93 -12.38
CA LEU A 149 19.53 -2.95 -11.30
C LEU A 149 19.00 -1.58 -11.71
N LYS A 150 19.42 -1.08 -12.87
CA LYS A 150 19.00 0.24 -13.30
C LYS A 150 17.48 0.34 -13.42
N ASP A 151 16.84 -0.60 -14.13
CA ASP A 151 15.40 -0.50 -14.31
C ASP A 151 14.68 -0.62 -12.98
N LEU A 152 15.21 -1.43 -12.08
CA LEU A 152 14.54 -1.64 -10.80
C LEU A 152 14.63 -0.41 -9.92
N LEU A 153 15.81 0.22 -9.86
CA LEU A 153 15.96 1.44 -9.07
C LEU A 153 15.08 2.56 -9.64
N CYS A 154 15.02 2.65 -10.98
CA CYS A 154 14.22 3.67 -11.66
C CYS A 154 12.74 3.51 -11.33
N LEU A 155 12.23 2.29 -11.47
CA LEU A 155 10.86 1.98 -11.12
C LEU A 155 10.57 2.29 -9.66
N PHE A 156 11.46 1.86 -8.76
CA PHE A 156 11.24 2.06 -7.33
C PHE A 156 11.10 3.52 -7.00
N GLN A 157 11.97 4.36 -7.57
CA GLN A 157 11.91 5.80 -7.39
C GLN A 157 10.59 6.36 -7.89
N LYS A 158 10.18 5.96 -9.10
CA LYS A 158 8.94 6.53 -9.64
C LYS A 158 7.75 6.14 -8.79
N VAL A 159 7.75 4.91 -8.27
CA VAL A 159 6.64 4.46 -7.45
C VAL A 159 6.63 5.17 -6.10
N ASP A 160 7.80 5.35 -5.52
CA ASP A 160 7.89 6.08 -4.25
C ASP A 160 7.41 7.51 -4.41
N TYR A 161 7.82 8.19 -5.49
CA TYR A 161 7.36 9.55 -5.73
C TYR A 161 5.85 9.62 -5.94
N ALA A 162 5.30 8.72 -6.73
CA ALA A 162 3.85 8.68 -6.91
C ALA A 162 3.14 8.52 -5.59
N THR A 163 3.70 7.71 -4.70
CA THR A 163 3.03 7.42 -3.44
C THR A 163 3.06 8.66 -2.53
N ALA A 164 4.18 9.39 -2.53
CA ALA A 164 4.25 10.63 -1.75
C ALA A 164 3.27 11.67 -2.29
N VAL A 165 3.14 11.76 -3.62
CA VAL A 165 2.14 12.65 -4.20
C VAL A 165 0.74 12.21 -3.77
N GLY A 166 0.46 10.91 -3.82
CA GLY A 166 -0.81 10.41 -3.35
C GLY A 166 -1.14 10.77 -1.91
N GLN A 167 -0.14 10.75 -1.03
CA GLN A 167 -0.38 11.13 0.36
C GLN A 167 -0.80 12.60 0.43
N MET A 168 -0.15 13.44 -0.37
CA MET A 168 -0.56 14.84 -0.44
C MET A 168 -2.00 14.95 -0.88
N TYR A 169 -2.39 14.22 -1.93
CA TYR A 169 -3.79 14.25 -2.37
C TYR A 169 -4.72 13.78 -1.27
N ASP A 170 -4.30 12.77 -0.50
CA ASP A 170 -5.18 12.17 0.50
C ASP A 170 -5.43 13.16 1.65
N VAL A 171 -4.37 13.75 2.19
CA VAL A 171 -4.52 14.56 3.40
C VAL A 171 -5.09 15.93 3.09
N THR A 172 -5.13 16.34 1.81
CA THR A 172 -5.76 17.60 1.43
C THR A 172 -7.14 17.39 0.78
N SER A 173 -7.69 16.18 0.82
CA SER A 173 -8.88 15.91 0.04
C SER A 173 -10.15 16.51 0.64
N MET A 174 -10.11 16.99 1.88
CA MET A 174 -11.27 17.61 2.50
C MET A 174 -11.20 19.12 2.45
N CYS A 175 -10.15 19.67 1.84
N CYS A 175 -10.21 19.67 1.75
CA CYS A 175 -10.04 21.10 1.58
CA CYS A 175 -10.06 21.11 1.60
C CYS A 175 -10.64 21.42 0.22
C CYS A 175 -10.39 21.51 0.18
N ASP A 176 -11.01 22.67 0.01
CA ASP A 176 -11.27 23.16 -1.32
C ASP A 176 -9.96 23.51 -2.00
N SER A 177 -9.75 23.00 -3.23
CA SER A 177 -8.44 23.20 -3.88
C SER A 177 -8.09 24.67 -3.98
N ASN A 178 -9.09 25.51 -4.25
CA ASN A 178 -8.79 26.93 -4.44
C ASN A 178 -8.41 27.64 -3.16
N LYS A 179 -8.58 26.99 -2.01
CA LYS A 179 -8.19 27.58 -0.73
C LYS A 179 -6.86 27.06 -0.20
N LEU A 180 -6.20 26.14 -0.91
CA LEU A 180 -4.92 25.64 -0.46
C LEU A 180 -3.88 26.74 -0.52
N ASP A 181 -3.20 26.97 0.60
CA ASP A 181 -2.28 28.08 0.75
C ASP A 181 -1.44 27.87 2.00
N PRO A 182 -0.12 27.75 1.88
CA PRO A 182 0.70 27.57 3.10
C PRO A 182 0.51 28.65 4.14
N GLU A 183 0.10 29.84 3.74
CA GLU A 183 -0.03 30.95 4.67
C GLU A 183 -1.33 30.96 5.47
N VAL A 184 -2.28 30.08 5.15
CA VAL A 184 -3.63 30.17 5.69
C VAL A 184 -4.10 28.80 6.18
N ALA A 185 -4.53 28.75 7.45
CA ALA A 185 -4.97 27.47 7.98
C ALA A 185 -6.13 26.93 7.16
N GLN A 186 -6.10 25.63 6.91
CA GLN A 186 -6.93 25.05 5.87
C GLN A 186 -8.30 24.68 6.42
N PRO A 187 -9.37 25.31 5.94
CA PRO A 187 -10.70 24.95 6.41
C PRO A 187 -11.24 23.75 5.66
N MET A 188 -12.08 23.00 6.35
CA MET A 188 -12.78 21.90 5.72
C MET A 188 -13.77 22.43 4.69
N THR A 189 -13.91 21.71 3.60
CA THR A 189 -14.92 22.03 2.60
C THR A 189 -16.30 22.10 3.23
N THR A 190 -17.12 23.02 2.75
CA THR A 190 -18.53 23.00 3.12
C THR A 190 -19.45 22.49 2.01
N ASP A 191 -19.03 22.54 0.74
CA ASP A 191 -19.86 22.07 -0.36
C ASP A 191 -19.56 20.66 -0.80
N PHE A 192 -18.40 20.11 -0.42
CA PHE A 192 -18.00 18.76 -0.81
C PHE A 192 -18.05 18.57 -2.31
N ALA A 193 -17.82 19.63 -3.08
CA ALA A 193 -17.88 19.50 -4.54
C ALA A 193 -16.74 18.65 -5.08
N GLU A 194 -15.66 18.50 -4.35
CA GLU A 194 -14.55 17.69 -4.81
C GLU A 194 -14.65 16.25 -4.32
N PHE A 195 -15.78 15.86 -3.71
CA PHE A 195 -16.02 14.45 -3.37
C PHE A 195 -16.71 13.78 -4.56
N THR A 196 -15.94 13.48 -5.61
CA THR A 196 -16.46 12.87 -6.83
C THR A 196 -15.73 11.57 -7.13
N PRO A 197 -16.33 10.71 -7.96
CA PRO A 197 -15.63 9.48 -8.36
C PRO A 197 -14.27 9.73 -9.00
N ALA A 198 -14.15 10.73 -9.88
CA ALA A 198 -12.89 10.93 -10.58
C ALA A 198 -11.80 11.41 -9.64
N ILE A 199 -12.16 12.27 -8.68
CA ILE A 199 -11.19 12.77 -7.74
C ILE A 199 -10.78 11.68 -6.76
N TYR A 200 -11.76 10.89 -6.30
CA TYR A 200 -11.47 9.74 -5.47
C TYR A 200 -10.53 8.79 -6.19
N LYS A 201 -10.81 8.52 -7.46
CA LYS A 201 -9.96 7.61 -8.22
C LYS A 201 -8.55 8.15 -8.34
N ARG A 202 -8.40 9.49 -8.49
CA ARG A 202 -7.06 10.06 -8.54
C ARG A 202 -6.33 9.84 -7.22
N ILE A 203 -6.98 10.15 -6.09
CA ILE A 203 -6.33 9.97 -4.79
C ILE A 203 -5.82 8.54 -4.64
N VAL A 204 -6.71 7.58 -4.89
CA VAL A 204 -6.40 6.18 -4.62
C VAL A 204 -5.30 5.67 -5.56
N LYS A 205 -5.36 6.05 -6.83
CA LYS A 205 -4.36 5.62 -7.79
C LYS A 205 -2.97 5.93 -7.28
N TYR A 206 -2.75 7.16 -6.84
CA TYR A 206 -1.42 7.56 -6.39
C TYR A 206 -1.13 7.08 -4.97
N LYS A 207 -2.09 7.11 -4.06
CA LYS A 207 -1.69 6.88 -2.68
C LYS A 207 -1.40 5.41 -2.39
N THR A 208 -1.96 4.49 -3.20
CA THR A 208 -1.89 3.06 -2.88
C THR A 208 -1.47 2.18 -4.05
N THR A 209 -1.99 2.43 -5.24
CA THR A 209 -1.97 1.37 -6.24
C THR A 209 -0.56 1.17 -6.79
N PHE A 210 0.23 2.21 -6.84
CA PHE A 210 1.56 2.06 -7.42
C PHE A 210 2.42 1.14 -6.59
N TYR A 211 2.42 1.30 -5.27
CA TYR A 211 3.30 0.47 -4.45
C TYR A 211 2.67 -0.84 -4.05
N THR A 212 1.34 -0.94 -4.06
CA THR A 212 0.71 -2.17 -3.62
C THR A 212 0.56 -3.20 -4.73
N TYR A 213 0.34 -2.76 -5.96
CA TYR A 213 0.14 -3.70 -7.05
C TYR A 213 1.10 -3.50 -8.22
N LEU A 214 1.34 -2.27 -8.68
CA LEU A 214 2.21 -2.10 -9.84
C LEU A 214 3.65 -2.52 -9.49
N LEU A 215 4.18 -2.01 -8.39
CA LEU A 215 5.58 -2.31 -8.05
C LEU A 215 5.81 -3.80 -7.82
N PRO A 216 4.99 -4.55 -7.09
CA PRO A 216 5.29 -5.99 -6.94
C PRO A 216 5.20 -6.76 -8.26
N LEU A 217 4.21 -6.43 -9.10
CA LEU A 217 4.08 -7.11 -10.39
C LEU A 217 5.28 -6.84 -11.28
N VAL A 218 5.68 -5.57 -11.42
CA VAL A 218 6.79 -5.28 -12.32
C VAL A 218 8.12 -5.74 -11.73
N MET A 219 8.29 -5.65 -10.41
CA MET A 219 9.52 -6.19 -9.82
C MET A 219 9.62 -7.69 -10.08
N GLY A 220 8.51 -8.40 -10.02
CA GLY A 220 8.55 -9.82 -10.34
C GLY A 220 9.00 -10.06 -11.77
N LEU A 221 8.52 -9.24 -12.70
CA LEU A 221 8.98 -9.33 -14.09
C LEU A 221 10.46 -8.97 -14.21
N LEU A 222 10.93 -7.98 -13.47
CA LEU A 222 12.32 -7.56 -13.64
C LEU A 222 13.30 -8.62 -13.17
N VAL A 223 13.10 -9.16 -11.96
CA VAL A 223 14.03 -10.17 -11.47
C VAL A 223 13.98 -11.45 -12.28
N SER A 224 12.93 -11.64 -13.06
CA SER A 224 12.77 -12.77 -13.97
C SER A 224 13.29 -12.47 -15.37
N GLU A 225 13.76 -11.25 -15.62
N GLU A 225 13.76 -11.25 -15.62
CA GLU A 225 14.15 -10.81 -16.96
CA GLU A 225 14.15 -10.81 -16.96
C GLU A 225 13.05 -11.14 -17.97
C GLU A 225 13.05 -11.13 -17.97
N ALA A 226 11.82 -10.76 -17.62
CA ALA A 226 10.65 -11.11 -18.40
C ALA A 226 9.77 -9.92 -18.79
N ALA A 227 10.22 -8.68 -18.56
CA ALA A 227 9.34 -7.54 -18.81
C ALA A 227 9.06 -7.37 -20.29
N ALA A 228 10.04 -7.65 -21.14
CA ALA A 228 9.77 -7.58 -22.57
C ALA A 228 8.64 -8.51 -22.98
N SER A 229 8.35 -9.54 -22.18
CA SER A 229 7.37 -10.57 -22.53
C SER A 229 5.94 -10.21 -22.11
N VAL A 230 5.68 -8.95 -21.76
CA VAL A 230 4.35 -8.47 -21.39
C VAL A 230 4.14 -7.09 -22.01
N GLU A 231 2.88 -6.72 -22.18
CA GLU A 231 2.49 -5.37 -22.60
C GLU A 231 2.37 -4.51 -21.35
N MET A 232 3.32 -3.60 -21.14
CA MET A 232 3.34 -2.85 -19.89
C MET A 232 2.07 -2.01 -19.71
N ASN A 233 1.44 -1.55 -20.80
CA ASN A 233 0.24 -0.75 -20.58
C ASN A 233 -0.87 -1.58 -19.92
N LEU A 234 -0.92 -2.89 -20.20
CA LEU A 234 -1.93 -3.72 -19.56
C LEU A 234 -1.60 -3.96 -18.10
N VAL A 235 -0.32 -4.14 -17.80
CA VAL A 235 0.08 -4.34 -16.40
C VAL A 235 -0.32 -3.13 -15.58
N GLU A 236 -0.07 -1.93 -16.12
CA GLU A 236 -0.47 -0.72 -15.42
C GLU A 236 -1.96 -0.65 -15.25
N ARG A 237 -2.72 -0.93 -16.33
CA ARG A 237 -4.18 -0.82 -16.23
C ARG A 237 -4.73 -1.81 -15.20
N VAL A 238 -4.20 -3.03 -15.17
CA VAL A 238 -4.75 -4.02 -14.24
C VAL A 238 -4.29 -3.71 -12.81
N ALA A 239 -3.06 -3.19 -12.62
CA ALA A 239 -2.60 -2.84 -11.28
C ALA A 239 -3.45 -1.73 -10.71
N HIS A 240 -3.74 -0.71 -11.51
CA HIS A 240 -4.52 0.42 -10.99
C HIS A 240 -5.96 0.00 -10.70
N LEU A 241 -6.52 -0.93 -11.48
CA LEU A 241 -7.89 -1.40 -11.26
C LEU A 241 -7.99 -2.25 -9.99
N ILE A 242 -7.12 -3.25 -9.83
CA ILE A 242 -7.17 -4.07 -8.62
C ILE A 242 -6.81 -3.22 -7.40
N GLY A 243 -5.87 -2.30 -7.55
CA GLY A 243 -5.46 -1.48 -6.43
C GLY A 243 -6.60 -0.60 -5.94
N GLU A 244 -7.40 -0.09 -6.86
CA GLU A 244 -8.53 0.73 -6.45
C GLU A 244 -9.52 -0.10 -5.66
N TYR A 245 -9.81 -1.30 -6.13
CA TYR A 245 -10.75 -2.17 -5.42
C TYR A 245 -10.24 -2.47 -4.02
N PHE A 246 -8.95 -2.74 -3.90
CA PHE A 246 -8.34 -2.98 -2.61
C PHE A 246 -8.63 -1.82 -1.65
N GLN A 247 -8.46 -0.59 -2.14
CA GLN A 247 -8.64 0.57 -1.27
C GLN A 247 -10.11 0.79 -0.92
N VAL A 248 -11.02 0.53 -1.87
CA VAL A 248 -12.44 0.62 -1.56
C VAL A 248 -12.79 -0.33 -0.42
N GLN A 249 -12.28 -1.57 -0.49
CA GLN A 249 -12.50 -2.51 0.63
C GLN A 249 -12.01 -1.92 1.94
N ASP A 250 -10.80 -1.35 1.93
CA ASP A 250 -10.26 -0.75 3.14
C ASP A 250 -11.14 0.39 3.63
N ASP A 251 -11.63 1.22 2.71
CA ASP A 251 -12.50 2.32 3.12
C ASP A 251 -13.75 1.79 3.83
N VAL A 252 -14.39 0.77 3.27
CA VAL A 252 -15.59 0.23 3.88
C VAL A 252 -15.27 -0.37 5.25
N MET A 253 -14.14 -1.05 5.36
CA MET A 253 -13.77 -1.67 6.63
C MET A 253 -13.49 -0.62 7.72
N ASP A 254 -12.88 0.51 7.36
CA ASP A 254 -12.62 1.56 8.34
C ASP A 254 -13.90 2.00 9.04
N CYS A 255 -15.02 1.99 8.32
CA CYS A 255 -16.28 2.42 8.89
C CYS A 255 -17.02 1.30 9.61
N PHE A 256 -17.04 0.09 9.04
CA PHE A 256 -17.97 -0.93 9.49
C PHE A 256 -17.32 -2.16 10.12
N THR A 257 -16.01 -2.28 10.10
CA THR A 257 -15.41 -3.48 10.70
C THR A 257 -15.11 -3.23 12.17
N PRO A 258 -15.46 -4.14 13.07
CA PRO A 258 -15.20 -3.92 14.51
C PRO A 258 -13.73 -3.68 14.77
N PRO A 259 -13.40 -2.78 15.69
CA PRO A 259 -11.98 -2.53 15.99
C PRO A 259 -11.19 -3.80 16.31
N GLU A 260 -11.81 -4.81 16.94
CA GLU A 260 -11.08 -6.01 17.29
C GLU A 260 -10.50 -6.66 16.04
N GLN A 261 -11.33 -6.82 15.01
CA GLN A 261 -10.84 -7.40 13.75
C GLN A 261 -10.03 -6.39 12.95
N LEU A 262 -10.39 -5.10 13.04
CA LEU A 262 -9.72 -4.10 12.21
C LEU A 262 -8.29 -3.83 12.68
N GLY A 263 -8.00 -4.06 13.97
CA GLY A 263 -6.70 -3.75 14.52
C GLY A 263 -6.55 -2.33 15.01
N LYS A 264 -7.61 -1.54 14.95
CA LYS A 264 -7.58 -0.12 15.30
C LYS A 264 -9.01 0.39 15.27
N VAL A 265 -9.20 1.61 15.76
CA VAL A 265 -10.45 2.34 15.58
C VAL A 265 -10.33 3.15 14.30
N GLY A 266 -11.30 2.97 13.39
CA GLY A 266 -11.33 3.80 12.19
C GLY A 266 -11.84 5.19 12.54
N THR A 267 -11.22 6.21 11.92
CA THR A 267 -11.62 7.59 12.12
C THR A 267 -11.77 8.36 10.81
N ASP A 268 -12.05 7.68 9.69
CA ASP A 268 -12.18 8.38 8.41
C ASP A 268 -13.29 9.44 8.45
N ILE A 269 -14.39 9.16 9.14
CA ILE A 269 -15.47 10.13 9.20
C ILE A 269 -15.03 11.38 9.97
N GLU A 270 -14.41 11.18 11.14
CA GLU A 270 -13.98 12.30 11.96
C GLU A 270 -12.92 13.11 11.24
N ASP A 271 -12.07 12.44 10.47
CA ASP A 271 -10.99 13.04 9.70
C ASP A 271 -11.46 13.65 8.38
N ALA A 272 -12.76 13.53 8.08
CA ALA A 272 -13.39 14.09 6.87
C ALA A 272 -12.73 13.57 5.60
N LYS A 273 -12.32 12.30 5.60
CA LYS A 273 -11.64 11.77 4.44
C LYS A 273 -12.58 11.58 3.25
N CYS A 274 -12.02 11.75 2.05
CA CYS A 274 -12.73 11.46 0.82
C CYS A 274 -12.72 9.94 0.62
N SER A 275 -13.63 9.27 1.32
CA SER A 275 -13.75 7.82 1.28
C SER A 275 -14.72 7.40 0.19
N TRP A 276 -14.61 6.12 -0.21
CA TRP A 276 -15.57 5.59 -1.18
C TRP A 276 -16.99 5.73 -0.65
N LEU A 277 -17.17 5.53 0.66
CA LEU A 277 -18.51 5.63 1.24
C LEU A 277 -19.07 7.05 1.12
N ALA A 278 -18.27 8.07 1.44
CA ALA A 278 -18.76 9.44 1.34
C ALA A 278 -19.10 9.81 -0.10
N VAL A 279 -18.21 9.47 -1.03
CA VAL A 279 -18.41 9.81 -2.44
C VAL A 279 -19.64 9.11 -2.98
N THR A 280 -19.79 7.83 -2.65
CA THR A 280 -20.90 7.05 -3.16
C THR A 280 -22.20 7.51 -2.54
N PHE A 281 -22.17 7.84 -1.24
CA PHE A 281 -23.34 8.40 -0.60
C PHE A 281 -23.77 9.70 -1.27
N LEU A 282 -22.82 10.60 -1.53
CA LEU A 282 -23.20 11.85 -2.17
C LEU A 282 -23.66 11.64 -3.61
N GLY A 283 -23.32 10.50 -4.22
CA GLY A 283 -23.75 10.22 -5.58
C GLY A 283 -25.17 9.71 -5.68
N LYS A 284 -25.82 9.45 -4.54
CA LYS A 284 -27.21 8.99 -4.58
C LYS A 284 -28.15 9.68 -3.58
N ALA A 285 -27.63 10.59 -2.76
CA ALA A 285 -28.43 11.20 -1.71
C ALA A 285 -29.42 12.21 -2.27
N ASN A 286 -30.54 12.39 -1.56
CA ASN A 286 -31.44 13.48 -1.85
C ASN A 286 -30.99 14.72 -1.07
N ALA A 287 -31.68 15.84 -1.29
CA ALA A 287 -31.21 17.10 -0.75
C ALA A 287 -31.14 17.06 0.77
N ALA A 288 -32.15 16.46 1.41
CA ALA A 288 -32.17 16.46 2.87
C ALA A 288 -31.07 15.58 3.43
N GLN A 289 -30.76 14.47 2.76
CA GLN A 289 -29.65 13.62 3.17
C GLN A 289 -28.30 14.31 2.97
N VAL A 290 -28.14 15.05 1.87
CA VAL A 290 -26.90 15.79 1.68
C VAL A 290 -26.73 16.80 2.80
N ALA A 291 -27.80 17.50 3.16
CA ALA A 291 -27.72 18.50 4.22
C ALA A 291 -27.34 17.88 5.55
N GLU A 292 -27.89 16.71 5.86
CA GLU A 292 -27.60 16.07 7.14
C GLU A 292 -26.16 15.56 7.18
N PHE A 293 -25.67 15.05 6.05
CA PHE A 293 -24.26 14.68 5.94
C PHE A 293 -23.36 15.88 6.21
N LYS A 294 -23.65 17.02 5.57
CA LYS A 294 -22.82 18.20 5.78
C LYS A 294 -22.82 18.61 7.24
N ALA A 295 -23.97 18.52 7.90
CA ALA A 295 -24.07 18.96 9.29
C ALA A 295 -23.31 18.06 10.25
N ASN A 296 -22.85 16.89 9.82
CA ASN A 296 -22.28 15.91 10.74
C ASN A 296 -20.92 15.37 10.35
N TYR A 297 -20.52 15.49 9.09
CA TYR A 297 -19.28 14.88 8.65
C TYR A 297 -18.08 15.68 9.14
N GLY A 298 -16.99 14.96 9.44
CA GLY A 298 -15.74 15.59 9.78
C GLY A 298 -15.64 16.16 11.17
N GLU A 299 -16.45 15.67 12.12
CA GLU A 299 -16.47 16.14 13.49
C GLU A 299 -16.15 15.00 14.44
N LYS A 300 -15.40 15.30 15.50
CA LYS A 300 -15.03 14.22 16.42
C LYS A 300 -16.21 13.74 17.26
N ASP A 301 -17.25 14.55 17.40
CA ASP A 301 -18.37 14.21 18.25
C ASP A 301 -18.96 12.84 17.89
N PRO A 302 -18.95 11.87 18.82
CA PRO A 302 -19.41 10.51 18.45
C PRO A 302 -20.87 10.43 18.02
N ALA A 303 -21.74 11.33 18.49
CA ALA A 303 -23.12 11.29 18.01
C ALA A 303 -23.21 11.73 16.57
N LYS A 304 -22.31 12.63 16.15
CA LYS A 304 -22.29 13.06 14.75
C LYS A 304 -21.73 11.96 13.87
N VAL A 305 -20.72 11.25 14.36
CA VAL A 305 -20.20 10.11 13.62
C VAL A 305 -21.30 9.07 13.45
N ALA A 306 -22.07 8.81 14.51
CA ALA A 306 -23.13 7.82 14.43
C ALA A 306 -24.20 8.26 13.43
N VAL A 307 -24.49 9.57 13.35
CA VAL A 307 -25.42 10.05 12.34
C VAL A 307 -24.92 9.68 10.95
N VAL A 308 -23.63 9.91 10.68
CA VAL A 308 -23.09 9.64 9.36
C VAL A 308 -23.17 8.14 9.05
N LYS A 309 -22.83 7.29 10.01
CA LYS A 309 -22.92 5.86 9.76
C LYS A 309 -24.37 5.43 9.51
N ARG A 310 -25.30 6.07 10.22
CA ARG A 310 -26.71 5.78 9.98
C ARG A 310 -27.11 6.16 8.56
N LEU A 311 -26.67 7.32 8.08
CA LEU A 311 -26.97 7.72 6.70
C LEU A 311 -26.45 6.68 5.71
N TYR A 312 -25.25 6.17 5.97
CA TYR A 312 -24.66 5.19 5.06
C TYR A 312 -25.48 3.89 5.03
N SER A 313 -25.93 3.42 6.19
CA SER A 313 -26.75 2.22 6.23
C SER A 313 -28.11 2.48 5.57
N LYS A 314 -28.77 3.58 5.94
CA LYS A 314 -30.06 3.88 5.34
C LYS A 314 -29.97 3.96 3.82
N ALA A 315 -28.81 4.38 3.30
CA ALA A 315 -28.63 4.60 1.88
C ALA A 315 -28.31 3.32 1.13
N ASN A 316 -28.18 2.20 1.84
CA ASN A 316 -27.97 0.89 1.23
C ASN A 316 -26.75 0.88 0.30
N LEU A 317 -25.63 1.36 0.85
CA LEU A 317 -24.38 1.39 0.08
C LEU A 317 -23.85 0.00 -0.21
N GLN A 318 -24.32 -1.01 0.53
CA GLN A 318 -24.05 -2.40 0.16
C GLN A 318 -24.40 -2.65 -1.30
N ALA A 319 -25.52 -2.08 -1.76
CA ALA A 319 -25.93 -2.30 -3.14
C ALA A 319 -24.95 -1.67 -4.12
N ASP A 320 -24.54 -0.43 -3.85
CA ASP A 320 -23.52 0.20 -4.68
C ASP A 320 -22.21 -0.59 -4.65
N PHE A 321 -21.84 -1.14 -3.50
CA PHE A 321 -20.58 -1.88 -3.46
C PHE A 321 -20.67 -3.15 -4.31
N ALA A 322 -21.77 -3.87 -4.21
CA ALA A 322 -21.91 -5.08 -5.02
C ALA A 322 -21.87 -4.74 -6.50
N ALA A 323 -22.48 -3.62 -6.90
CA ALA A 323 -22.42 -3.20 -8.30
C ALA A 323 -21.00 -2.81 -8.71
N TYR A 324 -20.28 -2.10 -7.83
CA TYR A 324 -18.88 -1.77 -8.09
C TYR A 324 -18.05 -3.03 -8.28
N GLU A 325 -18.21 -3.98 -7.35
CA GLU A 325 -17.45 -5.23 -7.39
C GLU A 325 -17.72 -5.99 -8.68
N ALA A 326 -18.99 -6.08 -9.08
CA ALA A 326 -19.34 -6.78 -10.31
C ALA A 326 -18.65 -6.18 -11.52
N GLU A 327 -18.57 -4.85 -11.56
CA GLU A 327 -17.91 -4.19 -12.67
C GLU A 327 -16.40 -4.41 -12.63
N VAL A 328 -15.79 -4.35 -11.44
CA VAL A 328 -14.37 -4.64 -11.35
C VAL A 328 -14.09 -6.07 -11.81
N VAL A 329 -14.95 -7.02 -11.40
CA VAL A 329 -14.75 -8.40 -11.85
C VAL A 329 -14.76 -8.47 -13.37
N ARG A 330 -15.72 -7.81 -14.02
CA ARG A 330 -15.78 -7.78 -15.48
C ARG A 330 -14.49 -7.23 -16.07
N GLU A 331 -14.01 -6.12 -15.53
CA GLU A 331 -12.89 -5.45 -16.15
C GLU A 331 -11.59 -6.20 -15.89
N VAL A 332 -11.42 -6.75 -14.68
CA VAL A 332 -10.18 -7.46 -14.39
C VAL A 332 -10.09 -8.71 -15.25
N GLU A 333 -11.19 -9.45 -15.37
CA GLU A 333 -11.17 -10.64 -16.20
C GLU A 333 -10.85 -10.29 -17.65
N SER A 334 -11.34 -9.15 -18.12
CA SER A 334 -11.03 -8.72 -19.49
C SER A 334 -9.55 -8.42 -19.66
N LEU A 335 -8.96 -7.73 -18.69
CA LEU A 335 -7.53 -7.44 -18.78
C LEU A 335 -6.69 -8.69 -18.68
N ILE A 336 -7.12 -9.67 -17.88
CA ILE A 336 -6.38 -10.92 -17.77
C ILE A 336 -6.43 -11.65 -19.10
N GLU A 337 -7.57 -11.62 -19.77
CA GLU A 337 -7.66 -12.22 -21.09
C GLU A 337 -6.70 -11.55 -22.07
N GLN A 338 -6.60 -10.22 -22.01
CA GLN A 338 -5.66 -9.53 -22.88
C GLN A 338 -4.22 -9.92 -22.55
N LEU A 339 -3.91 -10.08 -21.26
CA LEU A 339 -2.54 -10.43 -20.87
C LEU A 339 -2.13 -11.77 -21.45
N LYS A 340 -3.10 -12.67 -21.71
CA LYS A 340 -2.75 -13.99 -22.22
C LYS A 340 -2.19 -13.94 -23.63
N VAL A 341 -2.43 -12.85 -24.37
CA VAL A 341 -1.96 -12.80 -25.76
C VAL A 341 -0.45 -12.92 -25.80
N LYS A 342 0.24 -12.12 -24.97
CA LYS A 342 1.70 -12.17 -24.93
C LYS A 342 2.24 -13.08 -23.83
N SER A 343 1.56 -13.29 -22.73
CA SER A 343 2.14 -14.00 -21.59
C SER A 343 1.07 -14.71 -20.76
N PRO A 344 0.69 -15.91 -21.19
CA PRO A 344 -0.23 -16.71 -20.36
C PRO A 344 0.27 -16.98 -18.96
N THR A 345 1.58 -17.17 -18.76
CA THR A 345 2.08 -17.40 -17.42
C THR A 345 1.90 -16.18 -16.52
N PHE A 346 2.25 -14.99 -17.04
CA PHE A 346 2.03 -13.81 -16.21
C PHE A 346 0.54 -13.57 -15.96
N ALA A 347 -0.30 -13.85 -16.96
CA ALA A 347 -1.74 -13.67 -16.76
C ALA A 347 -2.26 -14.52 -15.61
N GLU A 348 -1.78 -15.77 -15.48
CA GLU A 348 -2.23 -16.58 -14.35
C GLU A 348 -1.74 -16.02 -13.03
N SER A 349 -0.52 -15.45 -12.97
CA SER A 349 -0.08 -14.82 -11.73
C SER A 349 -0.98 -13.64 -11.37
N VAL A 350 -1.39 -12.85 -12.36
CA VAL A 350 -2.33 -11.76 -12.09
C VAL A 350 -3.67 -12.31 -11.62
N ALA A 351 -4.10 -13.42 -12.19
CA ALA A 351 -5.37 -14.01 -11.75
C ALA A 351 -5.29 -14.41 -10.28
N VAL A 352 -4.16 -14.96 -9.86
CA VAL A 352 -3.94 -15.30 -8.45
C VAL A 352 -3.97 -14.05 -7.57
N VAL A 353 -3.32 -12.98 -8.00
CA VAL A 353 -3.32 -11.73 -7.26
C VAL A 353 -4.74 -11.21 -7.07
N TRP A 354 -5.54 -11.24 -8.12
CA TRP A 354 -6.93 -10.79 -8.02
C TRP A 354 -7.71 -11.68 -7.06
N GLU A 355 -7.57 -13.00 -7.20
CA GLU A 355 -8.33 -13.91 -6.33
C GLU A 355 -8.03 -13.63 -4.86
N LYS A 356 -6.75 -13.45 -4.51
CA LYS A 356 -6.36 -13.13 -3.14
C LYS A 356 -6.96 -11.79 -2.70
N THR A 357 -6.99 -10.81 -3.59
CA THR A 357 -7.61 -9.53 -3.27
C THR A 357 -9.11 -9.66 -3.07
N HIS A 358 -9.78 -10.34 -3.99
CA HIS A 358 -11.24 -10.35 -4.05
C HIS A 358 -11.84 -11.09 -2.86
N LYS A 359 -11.25 -12.21 -2.47
CA LYS A 359 -11.75 -13.04 -1.37
C LYS A 359 -10.83 -12.87 -0.17
N ARG A 360 -10.85 -11.67 0.41
CA ARG A 360 -9.95 -11.30 1.49
C ARG A 360 -10.65 -11.36 2.85
#